data_5L4W
#
_entry.id   5L4W
#
_cell.length_a   44.830
_cell.length_b   95.340
_cell.length_c   70.800
_cell.angle_alpha   90.00
_cell.angle_beta   105.64
_cell.angle_gamma   90.00
#
_symmetry.space_group_name_H-M   'P 1 21 1'
#
loop_
_entity.id
_entity.type
_entity.pdbx_description
1 polymer 'Protein FimH'
2 non-polymer 'heptyl 3-fluoro-alpha-D-mannopyranoside'
3 water water
#
_entity_poly.entity_id   1
_entity_poly.type   'polypeptide(L)'
_entity_poly.pdbx_seq_one_letter_code
;FACKTANGTAIPIGGGSANVYVNLAPVVNVGQNLVVDLSTQIFCHNDYPETITDYVTLQRGSAYGGVLSNFSGTVKYSGS
SYPFPTTSETPRVVYNSRTDKPWPVALYLTPVSSAGGVAIKAGSLIAVLILRQTNNYNSDDFQFVWNIYANNDVVVPT
;
_entity_poly.pdbx_strand_id   A,B,C
#
loop_
_chem_comp.id
_chem_comp.type
_chem_comp.name
_chem_comp.formula
6KH D-saccharide 'heptyl 3-fluoro-alpha-D-mannopyranoside' 'C13 H25 F O5'
#
# COMPACT_ATOMS: atom_id res chain seq x y z
N PHE A 1 -35.16 11.94 -1.49
CA PHE A 1 -33.95 12.22 -0.71
C PHE A 1 -33.25 13.46 -1.23
N ALA A 2 -32.95 14.39 -0.33
CA ALA A 2 -32.22 15.61 -0.68
C ALA A 2 -31.46 16.13 0.56
N CYS A 3 -30.52 17.05 0.34
CA CYS A 3 -29.68 17.57 1.41
C CYS A 3 -29.61 19.06 1.35
N LYS A 4 -29.14 19.64 2.46
CA LYS A 4 -28.90 21.08 2.54
C LYS A 4 -27.78 21.38 3.53
N THR A 5 -27.18 22.56 3.38
CA THR A 5 -26.13 23.02 4.31
C THR A 5 -26.77 23.86 5.42
N ALA A 6 -25.98 24.20 6.46
CA ALA A 6 -26.43 25.02 7.58
C ALA A 6 -26.92 26.42 7.11
N ASN A 7 -26.37 26.95 5.99
CA ASN A 7 -26.82 28.23 5.41
C ASN A 7 -27.99 28.11 4.41
N GLY A 8 -28.55 26.91 4.27
CA GLY A 8 -29.70 26.68 3.39
C GLY A 8 -29.43 26.25 1.96
N THR A 9 -28.13 26.19 1.54
CA THR A 9 -27.69 25.76 0.19
C THR A 9 -28.12 24.30 0.01
N ALA A 10 -28.87 24.02 -1.03
CA ALA A 10 -29.40 22.69 -1.19
C ALA A 10 -28.91 21.90 -2.39
N ILE A 11 -28.95 20.58 -2.26
CA ILE A 11 -28.70 19.64 -3.36
C ILE A 11 -30.00 18.84 -3.45
N PRO A 12 -30.75 18.94 -4.56
CA PRO A 12 -32.07 18.27 -4.62
C PRO A 12 -32.02 16.79 -4.96
N ILE A 13 -33.20 16.18 -5.11
CA ILE A 13 -33.40 14.79 -5.57
C ILE A 13 -32.57 14.59 -6.86
N GLY A 14 -31.82 13.49 -6.90
CA GLY A 14 -30.95 13.16 -8.03
C GLY A 14 -29.50 13.56 -7.85
N GLY A 15 -29.21 14.26 -6.74
CA GLY A 15 -27.85 14.70 -6.41
C GLY A 15 -27.36 15.92 -7.16
N GLY A 16 -26.06 16.16 -7.06
CA GLY A 16 -25.39 17.34 -7.61
C GLY A 16 -24.26 17.75 -6.69
N SER A 17 -23.95 19.05 -6.66
CA SER A 17 -22.84 19.57 -5.86
C SER A 17 -23.18 20.87 -5.16
N ALA A 18 -22.45 21.18 -4.09
CA ALA A 18 -22.60 22.39 -3.29
C ALA A 18 -21.30 22.74 -2.57
N ASN A 19 -21.08 24.03 -2.34
CA ASN A 19 -19.92 24.49 -1.56
C ASN A 19 -20.33 24.63 -0.10
N VAL A 20 -19.44 24.22 0.81
CA VAL A 20 -19.61 24.29 2.26
C VAL A 20 -18.42 25.11 2.78
N TYR A 21 -18.70 26.20 3.49
CA TYR A 21 -17.65 27.06 4.04
C TYR A 21 -17.61 26.82 5.54
N VAL A 22 -16.45 26.33 6.02
CA VAL A 22 -16.28 25.91 7.41
C VAL A 22 -15.36 26.82 8.21
N ASN A 23 -15.77 27.10 9.45
CA ASN A 23 -14.97 27.84 10.41
C ASN A 23 -14.03 26.84 11.04
N LEU A 24 -12.75 27.17 11.11
CA LEU A 24 -11.76 26.25 11.69
C LEU A 24 -11.09 26.87 12.87
N ALA A 25 -10.66 26.00 13.83
CA ALA A 25 -9.89 26.45 14.99
C ALA A 25 -8.66 27.23 14.43
N PRO A 26 -8.41 28.45 14.94
CA PRO A 26 -7.32 29.26 14.37
C PRO A 26 -5.90 28.73 14.62
N VAL A 27 -5.73 27.89 15.67
CA VAL A 27 -4.41 27.39 16.10
C VAL A 27 -4.46 25.90 16.35
N VAL A 28 -3.50 25.16 15.76
CA VAL A 28 -3.41 23.71 15.99
C VAL A 28 -1.95 23.34 16.20
N ASN A 29 -1.62 22.87 17.39
CA ASN A 29 -0.26 22.44 17.65
C ASN A 29 -0.03 21.03 17.13
N VAL A 30 1.25 20.69 16.84
CA VAL A 30 1.62 19.31 16.47
C VAL A 30 1.21 18.45 17.70
N GLY A 31 0.57 17.33 17.44
CA GLY A 31 0.06 16.45 18.49
C GLY A 31 -1.40 16.71 18.84
N GLN A 32 -2.03 17.74 18.23
CA GLN A 32 -3.44 18.03 18.47
C GLN A 32 -4.25 17.82 17.20
N ASN A 33 -5.56 17.70 17.34
CA ASN A 33 -6.44 17.53 16.20
C ASN A 33 -7.22 18.78 15.87
N LEU A 34 -7.29 19.07 14.58
CA LEU A 34 -8.15 20.08 14.01
C LEU A 34 -9.40 19.29 13.64
N VAL A 35 -10.54 19.60 14.26
CA VAL A 35 -11.78 18.86 14.02
C VAL A 35 -12.63 19.64 13.00
N VAL A 36 -13.02 18.95 11.90
CA VAL A 36 -13.91 19.55 10.90
C VAL A 36 -15.19 18.72 10.98
N ASP A 37 -16.13 19.16 11.82
CA ASP A 37 -17.38 18.44 12.05
C ASP A 37 -18.44 18.85 11.04
N LEU A 38 -18.67 18.01 10.02
CA LEU A 38 -19.66 18.30 8.97
C LEU A 38 -21.09 17.96 9.41
N SER A 39 -21.25 17.21 10.55
CA SER A 39 -22.57 16.83 11.07
C SER A 39 -23.40 18.05 11.51
N THR A 40 -22.75 19.21 11.73
CA THR A 40 -23.49 20.42 12.12
C THR A 40 -23.72 21.30 10.86
N GLN A 41 -23.19 20.85 9.72
CA GLN A 41 -23.21 21.61 8.46
C GLN A 41 -24.04 21.00 7.34
N ILE A 42 -24.12 19.66 7.28
CA ILE A 42 -24.79 18.94 6.19
C ILE A 42 -25.90 18.08 6.77
N PHE A 43 -27.13 18.30 6.25
CA PHE A 43 -28.36 17.64 6.72
C PHE A 43 -29.15 17.05 5.54
N CYS A 44 -29.69 15.85 5.73
CA CYS A 44 -30.42 15.11 4.70
C CYS A 44 -31.73 14.62 5.23
N HIS A 45 -32.63 14.25 4.31
CA HIS A 45 -33.91 13.66 4.68
C HIS A 45 -34.40 12.71 3.60
N ASN A 46 -35.26 11.80 4.00
CA ASN A 46 -35.93 10.85 3.12
C ASN A 46 -37.28 11.51 2.73
N ASP A 47 -37.59 11.58 1.42
CA ASP A 47 -38.84 12.20 0.89
C ASP A 47 -40.07 11.29 0.86
N TYR A 48 -39.88 9.99 1.09
CA TYR A 48 -40.98 9.00 1.01
C TYR A 48 -40.73 7.88 2.03
N PRO A 49 -40.60 8.21 3.35
CA PRO A 49 -40.29 7.15 4.33
C PRO A 49 -41.39 6.12 4.54
N GLU A 50 -42.63 6.40 4.12
CA GLU A 50 -43.79 5.47 4.20
C GLU A 50 -43.50 4.20 3.40
N THR A 51 -42.78 4.34 2.27
CA THR A 51 -42.49 3.25 1.34
C THR A 51 -41.01 2.95 1.15
N ILE A 52 -40.15 3.97 1.20
CA ILE A 52 -38.74 3.81 0.89
C ILE A 52 -37.80 4.01 2.07
N THR A 53 -36.77 3.17 2.14
CA THR A 53 -35.65 3.33 3.07
C THR A 53 -34.48 3.80 2.21
N ASP A 54 -33.83 4.91 2.62
CA ASP A 54 -32.67 5.45 1.95
C ASP A 54 -31.39 5.04 2.66
N TYR A 55 -30.34 4.73 1.88
CA TYR A 55 -29.03 4.31 2.38
C TYR A 55 -27.99 5.32 1.92
N VAL A 56 -27.17 5.78 2.85
CA VAL A 56 -26.18 6.82 2.62
C VAL A 56 -24.78 6.42 3.11
N THR A 57 -23.79 6.53 2.22
CA THR A 57 -22.41 6.26 2.57
C THR A 57 -21.56 7.49 2.27
N LEU A 58 -20.35 7.50 2.83
CA LEU A 58 -19.31 8.43 2.44
C LEU A 58 -18.59 7.57 1.37
N GLN A 59 -18.87 7.84 0.10
CA GLN A 59 -18.26 7.06 -0.98
C GLN A 59 -16.75 7.31 -1.09
N ARG A 60 -16.36 8.57 -0.98
CA ARG A 60 -14.97 9.01 -0.98
C ARG A 60 -14.79 10.39 -0.40
N GLY A 61 -13.63 10.58 0.21
CA GLY A 61 -13.15 11.82 0.81
C GLY A 61 -11.74 12.11 0.32
N SER A 62 -11.56 13.28 -0.34
CA SER A 62 -10.27 13.68 -0.88
C SER A 62 -9.81 14.95 -0.17
N ALA A 63 -8.48 15.10 0.02
CA ALA A 63 -7.88 16.26 0.67
C ALA A 63 -7.20 17.11 -0.36
N TYR A 64 -7.19 18.44 -0.10
CA TYR A 64 -6.63 19.46 -1.00
C TYR A 64 -5.87 20.52 -0.23
N GLY A 65 -5.07 21.30 -0.96
CA GLY A 65 -4.28 22.40 -0.45
C GLY A 65 -3.49 22.08 0.80
N GLY A 66 -3.69 22.94 1.80
CA GLY A 66 -3.03 22.82 3.11
C GLY A 66 -3.34 21.54 3.85
N VAL A 67 -4.56 21.01 3.69
CA VAL A 67 -4.95 19.77 4.36
C VAL A 67 -4.14 18.57 3.80
N LEU A 68 -4.05 18.46 2.48
CA LEU A 68 -3.24 17.42 1.86
C LEU A 68 -1.74 17.59 2.22
N SER A 69 -1.24 18.83 2.16
CA SER A 69 0.16 19.12 2.41
C SER A 69 0.63 18.98 3.84
N ASN A 70 -0.18 19.46 4.80
CA ASN A 70 0.26 19.65 6.19
C ASN A 70 -0.35 18.81 7.25
N PHE A 71 -1.31 17.96 6.90
CA PHE A 71 -2.04 17.19 7.89
C PHE A 71 -2.11 15.69 7.54
N SER A 72 -2.25 14.87 8.58
CA SER A 72 -2.45 13.43 8.59
C SER A 72 -3.90 13.31 9.06
N GLY A 73 -4.75 12.75 8.20
CA GLY A 73 -6.17 12.71 8.49
C GLY A 73 -6.84 11.38 8.78
N THR A 74 -7.93 11.50 9.52
CA THR A 74 -8.86 10.42 9.85
C THR A 74 -10.25 11.00 9.58
N VAL A 75 -11.16 10.16 9.10
CA VAL A 75 -12.56 10.51 8.91
C VAL A 75 -13.37 9.59 9.81
N LYS A 76 -14.23 10.18 10.63
CA LYS A 76 -15.16 9.44 11.48
C LYS A 76 -16.51 9.48 10.78
N TYR A 77 -17.08 8.30 10.47
CA TYR A 77 -18.38 8.19 9.82
C TYR A 77 -19.26 7.31 10.66
N SER A 78 -20.31 7.92 11.23
CA SER A 78 -21.27 7.24 12.08
C SER A 78 -20.61 6.38 13.19
N GLY A 79 -19.69 6.99 13.91
CA GLY A 79 -19.01 6.35 15.03
C GLY A 79 -17.77 5.52 14.75
N SER A 80 -17.42 5.30 13.46
CA SER A 80 -16.24 4.51 13.10
C SER A 80 -15.20 5.37 12.38
N SER A 81 -13.90 5.05 12.59
CA SER A 81 -12.80 5.80 11.99
C SER A 81 -12.17 5.11 10.81
N TYR A 82 -11.75 5.90 9.81
CA TYR A 82 -11.16 5.40 8.57
C TYR A 82 -10.07 6.35 8.13
N PRO A 83 -9.09 5.94 7.28
CA PRO A 83 -8.09 6.90 6.81
C PRO A 83 -8.75 7.99 5.97
N PHE A 84 -8.14 9.18 5.99
CA PHE A 84 -8.60 10.31 5.19
C PHE A 84 -7.33 10.98 4.62
N PRO A 85 -7.16 11.13 3.29
CA PRO A 85 -8.03 10.71 2.17
C PRO A 85 -8.43 9.25 2.26
N THR A 86 -9.66 8.96 1.83
CA THR A 86 -10.29 7.64 1.93
C THR A 86 -9.74 6.60 0.99
N THR A 87 -9.80 5.34 1.44
CA THR A 87 -9.34 4.16 0.68
C THR A 87 -10.47 3.20 0.32
N SER A 88 -11.69 3.41 0.87
CA SER A 88 -12.87 2.57 0.54
C SER A 88 -14.13 3.33 0.94
N GLU A 89 -15.25 2.90 0.35
CA GLU A 89 -16.58 3.41 0.64
C GLU A 89 -16.95 2.88 2.05
N THR A 90 -17.54 3.73 2.87
CA THR A 90 -17.98 3.33 4.22
C THR A 90 -19.22 2.43 4.19
N PRO A 91 -19.61 1.80 5.34
CA PRO A 91 -20.92 1.16 5.40
C PRO A 91 -22.04 2.23 5.31
N ARG A 92 -23.26 1.79 5.09
CA ARG A 92 -24.44 2.64 4.92
C ARG A 92 -25.03 3.13 6.22
N VAL A 93 -25.58 4.35 6.19
CA VAL A 93 -26.38 4.95 7.26
C VAL A 93 -27.82 4.96 6.70
N VAL A 94 -28.80 4.57 7.52
CA VAL A 94 -30.20 4.55 7.13
C VAL A 94 -30.83 5.93 7.35
N TYR A 95 -31.55 6.44 6.34
CA TYR A 95 -32.37 7.67 6.44
C TYR A 95 -33.82 7.21 6.24
N ASN A 96 -34.63 7.32 7.30
CA ASN A 96 -36.01 6.81 7.29
C ASN A 96 -37.00 7.83 7.82
N SER A 97 -36.69 9.13 7.68
CA SER A 97 -37.51 10.21 8.20
C SER A 97 -37.42 11.45 7.31
N ARG A 98 -38.53 12.22 7.27
CA ARG A 98 -38.62 13.49 6.57
C ARG A 98 -37.89 14.60 7.34
N THR A 99 -37.68 14.39 8.66
CA THR A 99 -36.95 15.35 9.50
C THR A 99 -35.50 15.39 9.04
N ASP A 100 -34.95 16.62 8.84
CA ASP A 100 -33.56 16.84 8.45
C ASP A 100 -32.65 16.24 9.52
N LYS A 101 -31.80 15.31 9.10
CA LYS A 101 -30.92 14.59 10.02
C LYS A 101 -29.47 14.84 9.58
N PRO A 102 -28.53 15.02 10.53
CA PRO A 102 -27.16 15.28 10.15
C PRO A 102 -26.50 14.16 9.33
N TRP A 103 -25.61 14.55 8.41
CA TRP A 103 -24.78 13.59 7.71
C TRP A 103 -23.60 13.33 8.70
N PRO A 104 -23.45 12.12 9.31
CA PRO A 104 -22.48 11.97 10.42
C PRO A 104 -20.99 11.82 10.03
N VAL A 105 -20.43 12.88 9.43
CA VAL A 105 -19.05 12.97 8.98
C VAL A 105 -18.30 14.02 9.78
N ALA A 106 -17.09 13.66 10.22
CA ALA A 106 -16.18 14.57 10.90
C ALA A 106 -14.75 14.21 10.53
N LEU A 107 -13.95 15.21 10.14
CA LEU A 107 -12.55 15.02 9.81
C LEU A 107 -11.71 15.38 11.04
N TYR A 108 -10.70 14.54 11.34
CA TYR A 108 -9.75 14.71 12.44
C TYR A 108 -8.38 14.84 11.79
N LEU A 109 -7.82 16.06 11.78
CA LEU A 109 -6.58 16.36 11.07
C LEU A 109 -5.48 16.81 12.04
N THR A 110 -4.40 16.05 12.10
CA THR A 110 -3.28 16.39 12.98
C THR A 110 -2.08 16.84 12.13
N PRO A 111 -1.34 17.89 12.54
CA PRO A 111 -0.22 18.36 11.70
C PRO A 111 0.89 17.33 11.52
N VAL A 112 1.43 17.23 10.30
CA VAL A 112 2.59 16.38 10.02
C VAL A 112 3.80 17.11 10.69
N SER A 113 4.91 16.39 10.90
CA SER A 113 6.11 16.96 11.55
C SER A 113 6.71 18.18 10.83
N SER A 114 6.59 18.23 9.49
CA SER A 114 7.09 19.38 8.70
C SER A 114 6.20 20.65 8.80
N ALA A 115 4.96 20.52 9.33
CA ALA A 115 4.02 21.63 9.39
C ALA A 115 4.45 22.74 10.39
N GLY A 116 4.24 23.98 9.98
CA GLY A 116 4.59 25.16 10.76
C GLY A 116 4.17 26.41 10.03
N GLY A 117 3.59 27.35 10.75
CA GLY A 117 3.09 28.56 10.15
C GLY A 117 1.66 28.41 9.63
N VAL A 118 1.32 29.14 8.56
CA VAL A 118 -0.03 29.09 7.99
C VAL A 118 -0.18 27.75 7.24
N ALA A 119 -0.81 26.77 7.90
CA ALA A 119 -0.98 25.41 7.37
C ALA A 119 -2.20 25.27 6.47
N ILE A 120 -3.24 26.12 6.67
CA ILE A 120 -4.46 26.16 5.84
C ILE A 120 -4.74 27.63 5.56
N LYS A 121 -4.97 27.97 4.29
CA LYS A 121 -5.26 29.35 3.90
C LYS A 121 -6.76 29.61 3.84
N ALA A 122 -7.19 30.80 4.33
CA ALA A 122 -8.60 31.23 4.25
C ALA A 122 -9.05 31.20 2.76
N GLY A 123 -10.24 30.66 2.51
CA GLY A 123 -10.82 30.60 1.17
C GLY A 123 -10.40 29.43 0.31
N SER A 124 -9.44 28.62 0.79
CA SER A 124 -8.94 27.49 0.02
C SER A 124 -9.83 26.26 0.12
N LEU A 125 -9.78 25.41 -0.90
CA LEU A 125 -10.45 24.12 -0.90
C LEU A 125 -9.62 23.22 -0.01
N ILE A 126 -10.28 22.58 0.97
CA ILE A 126 -9.58 21.67 1.91
C ILE A 126 -9.99 20.23 1.69
N ALA A 127 -11.19 20.00 1.18
CA ALA A 127 -11.70 18.64 0.98
C ALA A 127 -12.87 18.57 -0.01
N VAL A 128 -13.05 17.38 -0.61
CA VAL A 128 -14.20 17.03 -1.44
C VAL A 128 -14.75 15.75 -0.84
N LEU A 129 -16.01 15.79 -0.35
CA LEU A 129 -16.66 14.62 0.24
C LEU A 129 -17.85 14.20 -0.62
N ILE A 130 -17.86 12.94 -1.03
CA ILE A 130 -18.91 12.40 -1.87
C ILE A 130 -19.86 11.54 -1.05
N LEU A 131 -21.10 12.02 -0.93
CA LEU A 131 -22.18 11.31 -0.26
C LEU A 131 -22.85 10.48 -1.36
N ARG A 132 -22.91 9.16 -1.18
CA ARG A 132 -23.60 8.30 -2.15
C ARG A 132 -24.90 7.80 -1.54
N GLN A 133 -26.00 8.07 -2.25
CA GLN A 133 -27.35 7.70 -1.82
C GLN A 133 -28.01 6.67 -2.73
N THR A 134 -28.47 5.58 -2.12
CA THR A 134 -29.22 4.50 -2.78
C THR A 134 -30.48 4.26 -1.93
N ASN A 135 -31.26 3.24 -2.29
CA ASN A 135 -32.49 2.91 -1.54
C ASN A 135 -32.84 1.40 -1.66
N ASN A 136 -33.93 0.96 -1.04
CA ASN A 136 -34.40 -0.43 -1.09
C ASN A 136 -35.63 -0.52 -2.03
N TYR A 137 -35.76 0.44 -2.95
CA TYR A 137 -36.96 0.59 -3.77
C TYR A 137 -36.75 0.40 -5.27
N ASN A 138 -35.77 1.10 -5.84
CA ASN A 138 -35.49 1.02 -7.27
C ASN A 138 -33.97 1.07 -7.48
N SER A 139 -33.55 1.50 -8.69
CA SER A 139 -32.14 1.55 -9.09
C SER A 139 -31.46 2.90 -8.79
N ASP A 140 -32.18 3.83 -8.10
CA ASP A 140 -31.63 5.15 -7.80
C ASP A 140 -30.29 5.07 -7.06
N ASP A 141 -29.27 5.73 -7.62
CA ASP A 141 -27.89 5.74 -7.11
C ASP A 141 -27.31 7.11 -7.44
N PHE A 142 -27.28 8.00 -6.43
CA PHE A 142 -26.89 9.38 -6.63
C PHE A 142 -25.71 9.86 -5.80
N GLN A 143 -24.94 10.79 -6.38
CA GLN A 143 -23.83 11.40 -5.70
C GLN A 143 -24.16 12.84 -5.33
N PHE A 144 -23.97 13.15 -4.06
CA PHE A 144 -24.12 14.51 -3.51
C PHE A 144 -22.66 14.90 -3.15
N VAL A 145 -22.10 15.83 -3.95
CA VAL A 145 -20.71 16.26 -3.89
C VAL A 145 -20.57 17.54 -3.06
N TRP A 146 -19.89 17.43 -1.94
CA TRP A 146 -19.68 18.56 -1.02
C TRP A 146 -18.24 19.09 -1.13
N ASN A 147 -18.08 20.34 -1.66
CA ASN A 147 -16.77 21.01 -1.76
C ASN A 147 -16.58 21.84 -0.50
N ILE A 148 -15.62 21.42 0.33
CA ILE A 148 -15.37 22.04 1.64
C ILE A 148 -14.27 23.09 1.54
N TYR A 149 -14.60 24.33 1.92
CA TYR A 149 -13.70 25.48 1.92
C TYR A 149 -13.44 26.01 3.32
N ALA A 150 -12.19 26.40 3.61
CA ALA A 150 -11.78 27.01 4.88
C ALA A 150 -12.28 28.46 4.90
N ASN A 151 -12.93 28.87 5.99
CA ASN A 151 -13.37 30.28 6.13
C ASN A 151 -12.24 31.17 6.67
N ASN A 152 -11.23 30.55 7.26
CA ASN A 152 -10.13 31.27 7.90
C ASN A 152 -8.81 30.50 7.82
N ASP A 153 -7.69 31.22 8.06
CA ASP A 153 -6.34 30.65 8.13
C ASP A 153 -6.25 29.78 9.37
N VAL A 154 -5.42 28.74 9.29
CA VAL A 154 -5.11 27.86 10.42
C VAL A 154 -3.59 27.88 10.59
N VAL A 155 -3.15 28.26 11.79
CA VAL A 155 -1.73 28.35 12.10
C VAL A 155 -1.29 27.16 12.93
N VAL A 156 -0.16 26.55 12.54
CA VAL A 156 0.53 25.51 13.31
C VAL A 156 1.73 26.22 13.99
N PRO A 157 1.70 26.51 15.32
CA PRO A 157 2.85 27.19 15.96
C PRO A 157 4.15 26.43 15.82
N THR A 158 5.25 27.18 15.81
CA THR A 158 6.63 26.67 15.70
C THR A 158 7.40 26.97 17.00
N PHE B 1 29.88 6.54 12.79
CA PHE B 1 28.61 6.12 12.19
C PHE B 1 28.46 6.66 10.76
N ALA B 2 28.13 5.77 9.83
CA ALA B 2 27.92 6.16 8.44
C ALA B 2 26.95 5.17 7.80
N CYS B 3 26.45 5.52 6.62
CA CYS B 3 25.48 4.71 5.89
C CYS B 3 25.84 4.58 4.45
N LYS B 4 25.22 3.59 3.79
CA LYS B 4 25.38 3.42 2.34
C LYS B 4 24.14 2.77 1.75
N THR B 5 23.96 2.94 0.43
CA THR B 5 22.84 2.31 -0.29
C THR B 5 23.29 0.98 -0.88
N ALA B 6 22.33 0.18 -1.40
CA ALA B 6 22.61 -1.11 -2.04
C ALA B 6 23.52 -0.95 -3.27
N ASN B 7 23.49 0.22 -3.96
CA ASN B 7 24.38 0.52 -5.08
C ASN B 7 25.76 1.14 -4.69
N GLY B 8 26.03 1.22 -3.38
CA GLY B 8 27.30 1.73 -2.87
C GLY B 8 27.40 3.21 -2.56
N THR B 9 26.34 4.01 -2.85
CA THR B 9 26.26 5.46 -2.58
C THR B 9 26.33 5.65 -1.06
N ALA B 10 27.28 6.44 -0.59
CA ALA B 10 27.44 6.57 0.84
C ALA B 10 27.18 7.97 1.40
N ILE B 11 26.78 8.01 2.67
CA ILE B 11 26.68 9.26 3.44
C ILE B 11 27.67 9.04 4.60
N PRO B 12 28.76 9.83 4.67
CA PRO B 12 29.78 9.56 5.69
C PRO B 12 29.46 10.12 7.07
N ILE B 13 30.42 9.98 8.00
CA ILE B 13 30.37 10.55 9.37
C ILE B 13 29.97 12.02 9.25
N GLY B 14 29.01 12.44 10.09
CA GLY B 14 28.53 13.83 10.08
C GLY B 14 27.25 14.06 9.28
N GLY B 15 26.80 13.01 8.58
CA GLY B 15 25.57 13.06 7.80
C GLY B 15 25.68 13.73 6.44
N GLY B 16 24.52 14.03 5.89
CA GLY B 16 24.38 14.62 4.57
C GLY B 16 23.19 14.02 3.87
N SER B 17 23.24 13.94 2.54
CA SER B 17 22.12 13.44 1.75
C SER B 17 22.58 12.48 0.64
N ALA B 18 21.66 11.61 0.21
CA ALA B 18 21.89 10.66 -0.88
C ALA B 18 20.56 10.29 -1.56
N ASN B 19 20.64 9.96 -2.85
CA ASN B 19 19.48 9.53 -3.61
C ASN B 19 19.41 8.01 -3.57
N VAL B 20 18.17 7.47 -3.44
CA VAL B 20 17.87 6.04 -3.44
C VAL B 20 16.86 5.81 -4.56
N TYR B 21 17.19 4.94 -5.53
CA TYR B 21 16.30 4.65 -6.66
C TYR B 21 15.70 3.28 -6.43
N VAL B 22 14.36 3.23 -6.34
CA VAL B 22 13.65 1.99 -6.00
C VAL B 22 12.78 1.45 -7.13
N ASN B 23 12.80 0.12 -7.29
CA ASN B 23 11.91 -0.56 -8.25
C ASN B 23 10.61 -0.75 -7.54
N LEU B 24 9.51 -0.45 -8.22
CA LEU B 24 8.18 -0.55 -7.62
C LEU B 24 7.31 -1.50 -8.37
N ALA B 25 6.38 -2.18 -7.66
CA ALA B 25 5.44 -3.10 -8.33
C ALA B 25 4.74 -2.28 -9.45
N PRO B 26 4.71 -2.80 -10.68
CA PRO B 26 4.15 -2.01 -11.80
C PRO B 26 2.64 -1.77 -11.73
N VAL B 27 1.90 -2.66 -11.04
CA VAL B 27 0.44 -2.60 -10.96
C VAL B 27 -0.01 -2.76 -9.53
N VAL B 28 -0.80 -1.77 -9.04
CA VAL B 28 -1.32 -1.81 -7.67
C VAL B 28 -2.79 -1.45 -7.73
N ASN B 29 -3.65 -2.38 -7.36
CA ASN B 29 -5.07 -2.12 -7.31
C ASN B 29 -5.45 -1.41 -6.04
N VAL B 30 -6.61 -0.70 -6.07
CA VAL B 30 -7.19 -0.13 -4.85
C VAL B 30 -7.46 -1.35 -3.94
N GLY B 31 -7.13 -1.24 -2.67
CA GLY B 31 -7.27 -2.38 -1.76
C GLY B 31 -5.99 -3.16 -1.57
N GLN B 32 -4.93 -2.87 -2.36
CA GLN B 32 -3.64 -3.54 -2.21
C GLN B 32 -2.55 -2.57 -1.75
N ASN B 33 -1.45 -3.12 -1.19
CA ASN B 33 -0.33 -2.30 -0.76
C ASN B 33 0.81 -2.36 -1.72
N LEU B 34 1.39 -1.20 -1.97
CA LEU B 34 2.64 -1.04 -2.68
C LEU B 34 3.65 -0.95 -1.52
N VAL B 35 4.57 -1.92 -1.45
CA VAL B 35 5.55 -1.99 -0.37
C VAL B 35 6.88 -1.41 -0.88
N VAL B 36 7.43 -0.45 -0.13
CA VAL B 36 8.72 0.18 -0.46
C VAL B 36 9.62 -0.20 0.74
N ASP B 37 10.32 -1.33 0.61
CA ASP B 37 11.18 -1.83 1.68
C ASP B 37 12.59 -1.23 1.57
N LEU B 38 12.89 -0.24 2.42
CA LEU B 38 14.19 0.42 2.42
C LEU B 38 15.26 -0.37 3.17
N SER B 39 14.86 -1.42 3.96
CA SER B 39 15.79 -2.27 4.73
C SER B 39 16.72 -3.08 3.81
N THR B 40 16.37 -3.22 2.52
CA THR B 40 17.24 -3.94 1.58
C THR B 40 18.10 -2.91 0.81
N GLN B 41 17.86 -1.62 1.05
CA GLN B 41 18.49 -0.53 0.30
C GLN B 41 19.44 0.33 1.12
N ILE B 42 19.17 0.52 2.42
CA ILE B 42 19.92 1.44 3.29
C ILE B 42 20.53 0.66 4.44
N PHE B 43 21.86 0.75 4.58
CA PHE B 43 22.64 0.04 5.60
C PHE B 43 23.56 0.99 6.36
N CYS B 44 23.68 0.81 7.68
CA CYS B 44 24.47 1.66 8.57
C CYS B 44 25.36 0.83 9.45
N HIS B 45 26.39 1.47 10.02
CA HIS B 45 27.28 0.84 11.00
C HIS B 45 27.78 1.84 12.01
N ASN B 46 28.19 1.35 13.16
CA ASN B 46 28.82 2.10 14.24
C ASN B 46 30.35 1.99 14.01
N ASP B 47 31.06 3.11 14.02
CA ASP B 47 32.53 3.18 13.77
C ASP B 47 33.42 2.98 15.01
N TYR B 48 32.82 2.95 16.19
CA TYR B 48 33.57 2.84 17.43
C TYR B 48 32.71 2.09 18.47
N PRO B 49 32.25 0.84 18.19
CA PRO B 49 31.37 0.16 19.15
C PRO B 49 32.07 -0.27 20.45
N GLU B 50 33.42 -0.25 20.49
CA GLU B 50 34.20 -0.57 21.70
C GLU B 50 33.85 0.41 22.82
N THR B 51 33.51 1.67 22.46
CA THR B 51 33.23 2.75 23.42
C THR B 51 31.87 3.42 23.23
N ILE B 52 31.40 3.53 21.98
CA ILE B 52 30.19 4.29 21.70
C ILE B 52 29.02 3.43 21.25
N THR B 53 27.83 3.78 21.77
CA THR B 53 26.59 3.21 21.31
C THR B 53 25.91 4.29 20.48
N ASP B 54 25.49 3.93 19.26
CA ASP B 54 24.77 4.85 18.36
C ASP B 54 23.26 4.60 18.42
N TYR B 55 22.48 5.68 18.38
CA TYR B 55 21.01 5.66 18.42
C TYR B 55 20.49 6.28 17.14
N VAL B 56 19.58 5.57 16.48
CA VAL B 56 19.05 5.95 15.17
C VAL B 56 17.51 5.95 15.14
N THR B 57 16.93 7.06 14.70
CA THR B 57 15.48 7.18 14.55
C THR B 57 15.15 7.56 13.12
N LEU B 58 13.86 7.39 12.79
CA LEU B 58 13.29 7.96 11.58
C LEU B 58 12.73 9.28 12.15
N GLN B 59 13.47 10.37 11.92
CA GLN B 59 13.06 11.67 12.50
C GLN B 59 11.79 12.19 11.82
N ARG B 60 11.73 12.06 10.51
CA ARG B 60 10.58 12.40 9.70
C ARG B 60 10.62 11.75 8.32
N GLY B 61 9.43 11.46 7.83
CA GLY B 61 9.13 10.89 6.52
C GLY B 61 8.09 11.75 5.82
N SER B 62 8.46 12.33 4.66
CA SER B 62 7.57 13.18 3.87
C SER B 62 7.28 12.49 2.54
N ALA B 63 6.05 12.67 2.01
CA ALA B 63 5.65 12.11 0.73
C ALA B 63 5.60 13.20 -0.31
N TYR B 64 5.88 12.84 -1.57
CA TYR B 64 5.92 13.76 -2.73
C TYR B 64 5.28 13.15 -3.96
N GLY B 65 4.98 13.99 -4.94
CA GLY B 65 4.42 13.63 -6.23
C GLY B 65 3.24 12.69 -6.15
N GLY B 66 3.36 11.58 -6.87
CA GLY B 66 2.30 10.58 -6.93
C GLY B 66 1.97 9.90 -5.61
N VAL B 67 2.97 9.73 -4.74
CA VAL B 67 2.76 9.10 -3.43
C VAL B 67 1.89 10.02 -2.57
N LEU B 68 2.23 11.32 -2.50
CA LEU B 68 1.44 12.30 -1.77
C LEU B 68 0.00 12.39 -2.34
N SER B 69 -0.11 12.46 -3.67
CA SER B 69 -1.39 12.63 -4.36
C SER B 69 -2.33 11.43 -4.34
N ASN B 70 -1.79 10.22 -4.55
CA ASN B 70 -2.57 9.02 -4.83
C ASN B 70 -2.56 7.90 -3.83
N PHE B 71 -1.84 8.03 -2.73
CA PHE B 71 -1.72 6.94 -1.78
C PHE B 71 -1.93 7.38 -0.36
N SER B 72 -2.33 6.42 0.47
CA SER B 72 -2.56 6.53 1.90
C SER B 72 -1.45 5.65 2.50
N GLY B 73 -0.54 6.28 3.24
CA GLY B 73 0.67 5.64 3.76
C GLY B 73 0.80 5.28 5.24
N THR B 74 1.55 4.22 5.46
CA THR B 74 1.99 3.77 6.76
C THR B 74 3.49 3.53 6.62
N VAL B 75 4.24 3.83 7.69
CA VAL B 75 5.67 3.54 7.76
C VAL B 75 5.88 2.56 8.91
N LYS B 76 6.54 1.44 8.61
CA LYS B 76 6.92 0.46 9.62
C LYS B 76 8.39 0.71 9.95
N TYR B 77 8.68 0.99 11.23
CA TYR B 77 10.06 1.25 11.71
C TYR B 77 10.34 0.31 12.83
N SER B 78 11.28 -0.61 12.60
CA SER B 78 11.72 -1.61 13.56
C SER B 78 10.53 -2.36 14.21
N GLY B 79 9.62 -2.86 13.37
CA GLY B 79 8.47 -3.66 13.79
C GLY B 79 7.21 -2.93 14.22
N SER B 80 7.24 -1.58 14.29
CA SER B 80 6.07 -0.78 14.69
C SER B 80 5.59 0.09 13.55
N SER B 81 4.26 0.32 13.47
CA SER B 81 3.66 1.11 12.41
C SER B 81 3.28 2.50 12.87
N TYR B 82 3.43 3.48 11.96
CA TYR B 82 3.15 4.89 12.23
C TYR B 82 2.55 5.51 10.98
N PRO B 83 1.80 6.64 11.08
CA PRO B 83 1.30 7.27 9.86
C PRO B 83 2.46 7.74 8.97
N PHE B 84 2.22 7.77 7.67
CA PHE B 84 3.20 8.27 6.70
C PHE B 84 2.41 9.10 5.68
N PRO B 85 2.70 10.40 5.46
CA PRO B 85 3.73 11.25 6.10
C PRO B 85 3.67 11.22 7.61
N THR B 86 4.85 11.27 8.25
CA THR B 86 5.02 11.15 9.70
C THR B 86 4.53 12.32 10.52
N THR B 87 4.12 12.03 11.75
CA THR B 87 3.61 13.02 12.72
C THR B 87 4.49 13.17 13.97
N SER B 88 5.48 12.30 14.13
CA SER B 88 6.44 12.37 15.25
C SER B 88 7.68 11.57 14.92
N GLU B 89 8.77 11.82 15.66
CA GLU B 89 10.02 11.09 15.54
C GLU B 89 9.76 9.71 16.19
N THR B 90 10.25 8.65 15.55
CA THR B 90 10.09 7.30 16.10
C THR B 90 11.02 7.07 17.33
N PRO B 91 10.85 5.94 18.07
CA PRO B 91 11.85 5.55 19.07
C PRO B 91 13.17 5.18 18.36
N ARG B 92 14.22 5.02 19.14
CA ARG B 92 15.57 4.76 18.70
C ARG B 92 15.83 3.30 18.40
N VAL B 93 16.67 3.04 17.41
CA VAL B 93 17.24 1.73 17.11
C VAL B 93 18.72 1.82 17.53
N VAL B 94 19.22 0.80 18.22
CA VAL B 94 20.62 0.77 18.67
C VAL B 94 21.51 0.20 17.56
N TYR B 95 22.62 0.89 17.25
CA TYR B 95 23.66 0.39 16.34
C TYR B 95 24.91 0.23 17.20
N ASN B 96 25.33 -1.01 17.40
CA ASN B 96 26.46 -1.33 18.30
C ASN B 96 27.46 -2.27 17.64
N SER B 97 27.57 -2.21 16.31
CA SER B 97 28.48 -3.06 15.56
C SER B 97 29.04 -2.37 14.33
N ARG B 98 30.27 -2.71 13.95
CA ARG B 98 30.93 -2.25 12.72
C ARG B 98 30.34 -2.94 11.48
N THR B 99 29.69 -4.09 11.68
CA THR B 99 29.04 -4.80 10.59
C THR B 99 27.81 -3.99 10.16
N ASP B 100 27.72 -3.78 8.85
CA ASP B 100 26.60 -3.12 8.19
C ASP B 100 25.33 -3.80 8.62
N LYS B 101 24.37 -2.98 8.98
CA LYS B 101 23.08 -3.47 9.41
C LYS B 101 21.98 -2.65 8.71
N PRO B 102 20.87 -3.30 8.28
CA PRO B 102 19.81 -2.54 7.59
C PRO B 102 19.17 -1.45 8.43
N TRP B 103 18.77 -0.37 7.77
CA TRP B 103 17.97 0.66 8.42
C TRP B 103 16.53 0.12 8.32
N PRO B 104 15.86 -0.26 9.45
CA PRO B 104 14.59 -0.99 9.35
C PRO B 104 13.33 -0.20 9.04
N VAL B 105 13.30 0.40 7.83
CA VAL B 105 12.21 1.22 7.33
C VAL B 105 11.55 0.53 6.12
N ALA B 106 10.22 0.52 6.12
CA ALA B 106 9.41 0.05 5.00
C ALA B 106 8.13 0.90 4.91
N LEU B 107 7.81 1.39 3.71
CA LEU B 107 6.58 2.16 3.46
C LEU B 107 5.54 1.21 2.89
N TYR B 108 4.29 1.32 3.39
CA TYR B 108 3.12 0.56 2.96
C TYR B 108 2.14 1.59 2.44
N LEU B 109 2.03 1.64 1.10
CA LEU B 109 1.22 2.63 0.40
C LEU B 109 0.05 1.98 -0.33
N THR B 110 -1.17 2.36 0.04
CA THR B 110 -2.37 1.82 -0.61
C THR B 110 -3.03 2.92 -1.43
N PRO B 111 -3.51 2.64 -2.66
CA PRO B 111 -4.16 3.71 -3.44
C PRO B 111 -5.37 4.32 -2.74
N VAL B 112 -5.53 5.65 -2.86
CA VAL B 112 -6.73 6.32 -2.35
C VAL B 112 -7.84 5.96 -3.39
N SER B 113 -9.13 6.09 -3.01
CA SER B 113 -10.25 5.76 -3.91
C SER B 113 -10.28 6.55 -5.22
N SER B 114 -9.78 7.78 -5.23
CA SER B 114 -9.71 8.61 -6.45
C SER B 114 -8.58 8.20 -7.42
N ALA B 115 -7.63 7.33 -6.97
CA ALA B 115 -6.47 6.95 -7.78
C ALA B 115 -6.86 6.09 -8.98
N GLY B 116 -6.17 6.32 -10.10
CA GLY B 116 -6.41 5.61 -11.34
C GLY B 116 -5.42 6.05 -12.39
N GLY B 117 -4.90 5.09 -13.13
CA GLY B 117 -3.93 5.36 -14.19
C GLY B 117 -2.52 5.38 -13.64
N VAL B 118 -1.66 6.22 -14.22
CA VAL B 118 -0.27 6.34 -13.79
C VAL B 118 -0.25 7.14 -12.44
N ALA B 119 -0.17 6.41 -11.34
CA ALA B 119 -0.24 6.96 -9.99
C ALA B 119 1.10 7.42 -9.46
N ILE B 120 2.21 6.84 -9.97
CA ILE B 120 3.59 7.23 -9.66
C ILE B 120 4.34 7.29 -10.99
N LYS B 121 5.05 8.40 -11.24
CA LYS B 121 5.82 8.54 -12.48
C LYS B 121 7.27 8.09 -12.30
N ALA B 122 7.82 7.38 -13.29
CA ALA B 122 9.25 6.96 -13.31
C ALA B 122 10.13 8.21 -13.18
N GLY B 123 11.17 8.11 -12.35
CA GLY B 123 12.13 9.18 -12.10
C GLY B 123 11.71 10.24 -11.10
N SER B 124 10.45 10.20 -10.62
CA SER B 124 9.95 11.21 -9.68
C SER B 124 10.36 10.93 -8.24
N LEU B 125 10.42 12.00 -7.46
CA LEU B 125 10.67 11.93 -6.03
C LEU B 125 9.37 11.44 -5.40
N ILE B 126 9.45 10.36 -4.63
CA ILE B 126 8.26 9.80 -3.97
C ILE B 126 8.27 10.03 -2.45
N ALA B 127 9.47 10.18 -1.86
CA ALA B 127 9.62 10.37 -0.43
C ALA B 127 10.97 10.96 -0.02
N VAL B 128 10.99 11.60 1.14
CA VAL B 128 12.21 12.09 1.79
C VAL B 128 12.17 11.53 3.20
N LEU B 129 13.15 10.69 3.55
CA LEU B 129 13.24 10.08 4.86
C LEU B 129 14.49 10.57 5.58
N ILE B 130 14.29 11.12 6.78
CA ILE B 130 15.38 11.67 7.58
C ILE B 130 15.76 10.70 8.69
N LEU B 131 16.98 10.18 8.61
CA LEU B 131 17.55 9.31 9.61
C LEU B 131 18.31 10.25 10.57
N ARG B 132 17.97 10.20 11.85
CA ARG B 132 18.66 11.03 12.84
C ARG B 132 19.50 10.13 13.73
N GLN B 133 20.80 10.44 13.79
CA GLN B 133 21.78 9.68 14.56
C GLN B 133 22.40 10.48 15.71
N THR B 134 22.31 9.91 16.91
CA THR B 134 22.93 10.44 18.12
C THR B 134 23.73 9.31 18.75
N ASN B 135 24.30 9.54 19.94
CA ASN B 135 25.08 8.54 20.65
C ASN B 135 25.04 8.76 22.19
N ASN B 136 25.73 7.92 22.94
CA ASN B 136 25.80 8.01 24.42
C ASN B 136 27.19 8.56 24.82
N TYR B 137 27.88 9.25 23.90
CA TYR B 137 29.26 9.67 24.07
C TYR B 137 29.49 11.18 24.11
N ASN B 138 28.98 11.90 23.12
CA ASN B 138 29.17 13.33 23.03
C ASN B 138 27.88 13.99 22.53
N SER B 139 28.00 15.19 21.95
CA SER B 139 26.88 15.98 21.46
C SER B 139 26.54 15.71 19.98
N ASP B 140 27.20 14.72 19.34
CA ASP B 140 26.96 14.39 17.94
C ASP B 140 25.48 14.09 17.67
N ASP B 141 24.90 14.85 16.73
CA ASP B 141 23.49 14.75 16.36
C ASP B 141 23.41 15.07 14.89
N PHE B 142 23.30 14.02 14.06
CA PHE B 142 23.38 14.16 12.61
C PHE B 142 22.17 13.68 11.84
N GLN B 143 21.89 14.37 10.73
CA GLN B 143 20.80 13.98 9.85
C GLN B 143 21.35 13.38 8.58
N PHE B 144 20.86 12.17 8.26
CA PHE B 144 21.18 11.41 7.04
C PHE B 144 19.86 11.46 6.24
N VAL B 145 19.86 12.26 5.16
CA VAL B 145 18.69 12.56 4.36
C VAL B 145 18.64 11.67 3.13
N TRP B 146 17.62 10.81 3.06
CA TRP B 146 17.44 9.86 1.96
C TRP B 146 16.33 10.32 1.04
N ASN B 147 16.70 10.69 -0.22
CA ASN B 147 15.74 11.10 -1.24
C ASN B 147 15.37 9.87 -2.04
N ILE B 148 14.12 9.42 -1.92
CA ILE B 148 13.63 8.19 -2.55
C ILE B 148 12.96 8.50 -3.89
N TYR B 149 13.48 7.91 -4.96
CA TYR B 149 13.00 8.07 -6.34
C TYR B 149 12.47 6.77 -6.92
N ALA B 150 11.37 6.87 -7.67
CA ALA B 150 10.75 5.76 -8.37
C ALA B 150 11.59 5.42 -9.62
N ASN B 151 11.94 4.15 -9.82
CA ASN B 151 12.65 3.74 -11.02
C ASN B 151 11.70 3.50 -12.21
N ASN B 152 10.41 3.34 -11.93
CA ASN B 152 9.39 3.01 -12.93
C ASN B 152 8.03 3.60 -12.58
N ASP B 153 7.14 3.67 -13.60
CA ASP B 153 5.74 4.09 -13.45
C ASP B 153 5.00 3.02 -12.65
N VAL B 154 4.00 3.45 -11.87
CA VAL B 154 3.12 2.56 -11.13
C VAL B 154 1.71 2.86 -11.62
N VAL B 155 1.02 1.83 -12.10
CA VAL B 155 -0.33 1.97 -12.61
C VAL B 155 -1.34 1.45 -11.57
N VAL B 156 -2.38 2.23 -11.34
CA VAL B 156 -3.54 1.83 -10.52
C VAL B 156 -4.67 1.54 -11.53
N PRO B 157 -5.03 0.26 -11.80
CA PRO B 157 -6.09 -0.04 -12.78
C PRO B 157 -7.42 0.63 -12.47
N THR B 158 -8.15 0.96 -13.54
CA THR B 158 -9.48 1.57 -13.52
C THR B 158 -10.54 0.62 -14.08
N PHE C 1 22.95 -20.53 -14.17
CA PHE C 1 21.62 -20.86 -13.61
C PHE C 1 20.56 -20.81 -14.70
N ALA C 2 19.80 -21.91 -14.83
CA ALA C 2 18.72 -22.05 -15.81
C ALA C 2 17.66 -22.97 -15.24
N CYS C 3 16.44 -22.88 -15.80
CA CYS C 3 15.27 -23.65 -15.35
C CYS C 3 14.55 -24.30 -16.50
N LYS C 4 13.64 -25.22 -16.17
CA LYS C 4 12.75 -25.83 -17.17
C LYS C 4 11.44 -26.27 -16.49
N THR C 5 10.37 -26.26 -17.30
CA THR C 5 9.07 -26.83 -16.90
C THR C 5 9.15 -28.32 -17.30
N ALA C 6 8.49 -29.19 -16.57
CA ALA C 6 8.49 -30.61 -16.87
C ALA C 6 7.61 -30.81 -18.15
N ASN C 7 8.23 -31.35 -19.20
CA ASN C 7 7.61 -31.61 -20.51
C ASN C 7 7.32 -30.38 -21.38
N GLY C 8 7.84 -29.23 -20.98
CA GLY C 8 7.66 -28.00 -21.72
C GLY C 8 8.96 -27.31 -22.06
N THR C 9 8.89 -25.98 -22.14
CA THR C 9 10.05 -25.18 -22.52
C THR C 9 10.98 -24.88 -21.32
N ALA C 10 12.15 -24.36 -21.65
CA ALA C 10 13.20 -23.97 -20.71
C ALA C 10 13.39 -22.45 -20.73
N ILE C 11 13.96 -21.94 -19.65
CA ILE C 11 14.31 -20.53 -19.50
C ILE C 11 15.84 -20.56 -19.28
N PRO C 12 16.62 -19.96 -20.21
CA PRO C 12 18.09 -20.05 -20.09
C PRO C 12 18.70 -19.03 -19.13
N ILE C 13 20.03 -19.02 -19.08
CA ILE C 13 20.84 -18.05 -18.31
C ILE C 13 20.37 -16.64 -18.70
N GLY C 14 20.16 -15.80 -17.69
CA GLY C 14 19.71 -14.42 -17.90
C GLY C 14 18.21 -14.24 -17.74
N GLY C 15 17.48 -15.35 -17.57
CA GLY C 15 16.03 -15.33 -17.37
C GLY C 15 15.18 -15.22 -18.62
N GLY C 16 13.90 -15.00 -18.41
CA GLY C 16 12.89 -14.98 -19.46
C GLY C 16 11.58 -15.53 -18.93
N SER C 17 10.76 -16.11 -19.81
CA SER C 17 9.43 -16.62 -19.43
C SER C 17 9.10 -18.00 -20.03
N ALA C 18 8.18 -18.71 -19.39
CA ALA C 18 7.68 -20.02 -19.85
C ALA C 18 6.27 -20.29 -19.35
N ASN C 19 5.49 -21.09 -20.11
CA ASN C 19 4.16 -21.50 -19.72
C ASN C 19 4.23 -22.83 -19.01
N VAL C 20 3.43 -22.96 -17.95
CA VAL C 20 3.31 -24.16 -17.15
C VAL C 20 1.84 -24.54 -17.15
N TYR C 21 1.51 -25.76 -17.62
CA TYR C 21 0.14 -26.25 -17.65
C TYR C 21 -0.03 -27.23 -16.51
N VAL C 22 -0.97 -26.93 -15.59
CA VAL C 22 -1.17 -27.72 -14.37
C VAL C 22 -2.49 -28.47 -14.32
N ASN C 23 -2.44 -29.73 -13.87
CA ASN C 23 -3.65 -30.52 -13.65
C ASN C 23 -4.18 -30.11 -12.30
N LEU C 24 -5.49 -29.88 -12.20
CA LEU C 24 -6.12 -29.45 -10.96
C LEU C 24 -7.19 -30.41 -10.53
N ALA C 25 -7.40 -30.52 -9.19
CA ALA C 25 -8.47 -31.35 -8.65
C ALA C 25 -9.79 -30.88 -9.33
N PRO C 26 -10.57 -31.80 -9.93
CA PRO C 26 -11.76 -31.38 -10.67
C PRO C 26 -12.90 -30.79 -9.84
N VAL C 27 -12.97 -31.14 -8.55
CA VAL C 27 -14.04 -30.71 -7.64
C VAL C 27 -13.47 -30.17 -6.34
N VAL C 28 -13.84 -28.91 -5.99
CA VAL C 28 -13.35 -28.29 -4.75
C VAL C 28 -14.54 -27.64 -4.05
N ASN C 29 -14.89 -28.15 -2.88
CA ASN C 29 -15.97 -27.56 -2.11
C ASN C 29 -15.45 -26.36 -1.34
N VAL C 30 -16.38 -25.44 -0.99
CA VAL C 30 -16.05 -24.30 -0.12
C VAL C 30 -15.55 -24.92 1.20
N GLY C 31 -14.46 -24.37 1.71
CA GLY C 31 -13.82 -24.90 2.91
C GLY C 31 -12.75 -25.94 2.68
N GLN C 32 -12.51 -26.33 1.41
CA GLN C 32 -11.44 -27.27 1.06
C GLN C 32 -10.35 -26.53 0.28
N ASN C 33 -9.14 -27.10 0.23
CA ASN C 33 -8.06 -26.50 -0.51
C ASN C 33 -7.84 -27.15 -1.84
N LEU C 34 -7.62 -26.31 -2.83
CA LEU C 34 -7.17 -26.69 -4.15
C LEU C 34 -5.65 -26.46 -4.05
N VAL C 35 -4.86 -27.54 -4.18
CA VAL C 35 -3.40 -27.46 -4.07
C VAL C 35 -2.80 -27.40 -5.48
N VAL C 36 -1.99 -26.37 -5.74
CA VAL C 36 -1.30 -26.21 -7.02
C VAL C 36 0.19 -26.36 -6.71
N ASP C 37 0.70 -27.59 -6.77
CA ASP C 37 2.10 -27.89 -6.44
C ASP C 37 3.04 -27.72 -7.66
N LEU C 38 3.74 -26.58 -7.70
CA LEU C 38 4.67 -26.28 -8.79
C LEU C 38 6.02 -26.99 -8.64
N SER C 39 6.31 -27.57 -7.45
CA SER C 39 7.58 -28.29 -7.19
C SER C 39 7.74 -29.55 -8.06
N THR C 40 6.63 -30.06 -8.63
CA THR C 40 6.71 -31.24 -9.52
C THR C 40 6.77 -30.77 -10.98
N GLN C 41 6.68 -29.44 -11.20
CA GLN C 41 6.57 -28.84 -12.53
C GLN C 41 7.73 -27.96 -12.93
N ILE C 42 8.36 -27.26 -11.96
CA ILE C 42 9.43 -26.28 -12.25
C ILE C 42 10.71 -26.72 -11.59
N PHE C 43 11.78 -26.81 -12.38
CA PHE C 43 13.09 -27.32 -11.94
C PHE C 43 14.22 -26.38 -12.36
N CYS C 44 15.21 -26.15 -11.48
CA CYS C 44 16.33 -25.25 -11.73
C CYS C 44 17.62 -25.89 -11.40
N HIS C 45 18.72 -25.33 -11.94
CA HIS C 45 20.06 -25.83 -11.64
C HIS C 45 21.09 -24.70 -11.68
N ASN C 46 22.17 -24.87 -10.93
CA ASN C 46 23.32 -23.97 -10.89
C ASN C 46 24.29 -24.47 -11.97
N ASP C 47 24.76 -23.59 -12.84
CA ASP C 47 25.67 -24.01 -13.88
C ASP C 47 27.15 -24.19 -13.47
N TYR C 48 27.62 -23.53 -12.39
CA TYR C 48 29.05 -23.61 -11.97
C TYR C 48 29.07 -23.75 -10.45
N PRO C 49 28.56 -24.86 -9.88
CA PRO C 49 28.45 -24.96 -8.42
C PRO C 49 29.77 -24.97 -7.62
N GLU C 50 30.91 -25.26 -8.27
CA GLU C 50 32.22 -25.24 -7.62
C GLU C 50 32.66 -23.78 -7.36
N THR C 51 32.20 -22.86 -8.21
CA THR C 51 32.61 -21.46 -8.25
C THR C 51 31.60 -20.48 -7.70
N ILE C 52 30.31 -20.78 -7.88
CA ILE C 52 29.22 -19.87 -7.55
C ILE C 52 28.13 -20.58 -6.79
N THR C 53 27.50 -19.87 -5.82
CA THR C 53 26.29 -20.27 -5.10
C THR C 53 25.17 -19.37 -5.63
N ASP C 54 24.07 -19.99 -6.06
CA ASP C 54 22.90 -19.25 -6.57
C ASP C 54 21.83 -19.13 -5.50
N TYR C 55 21.17 -17.96 -5.44
CA TYR C 55 20.10 -17.66 -4.50
C TYR C 55 18.83 -17.38 -5.27
N VAL C 56 17.74 -18.03 -4.85
CA VAL C 56 16.46 -17.98 -5.54
C VAL C 56 15.31 -17.65 -4.59
N THR C 57 14.52 -16.63 -4.96
CA THR C 57 13.35 -16.25 -4.21
C THR C 57 12.11 -16.32 -5.09
N LEU C 58 10.95 -16.30 -4.45
CA LEU C 58 9.69 -16.05 -5.13
C LEU C 58 9.58 -14.52 -4.95
N GLN C 59 9.90 -13.77 -6.00
CA GLN C 59 9.87 -12.31 -5.90
C GLN C 59 8.43 -11.78 -5.78
N ARG C 60 7.54 -12.35 -6.60
CA ARG C 60 6.11 -12.03 -6.58
C ARG C 60 5.26 -13.10 -7.22
N GLY C 61 4.05 -13.24 -6.69
CA GLY C 61 3.01 -14.15 -7.15
C GLY C 61 1.72 -13.37 -7.32
N SER C 62 1.17 -13.40 -8.54
CA SER C 62 -0.07 -12.71 -8.87
C SER C 62 -1.13 -13.72 -9.29
N ALA C 63 -2.40 -13.46 -8.94
CA ALA C 63 -3.50 -14.36 -9.29
C ALA C 63 -4.28 -13.79 -10.48
N TYR C 64 -4.78 -14.66 -11.38
CA TYR C 64 -5.58 -14.28 -12.54
C TYR C 64 -6.77 -15.18 -12.76
N GLY C 65 -7.59 -14.82 -13.77
CA GLY C 65 -8.78 -15.55 -14.16
C GLY C 65 -9.66 -16.00 -13.00
N GLY C 66 -10.02 -17.29 -13.00
CA GLY C 66 -10.89 -17.89 -11.98
C GLY C 66 -10.30 -17.94 -10.59
N VAL C 67 -8.94 -18.03 -10.46
CA VAL C 67 -8.26 -18.04 -9.15
C VAL C 67 -8.43 -16.67 -8.47
N LEU C 68 -8.16 -15.59 -9.20
CA LEU C 68 -8.37 -14.26 -8.68
C LEU C 68 -9.84 -14.02 -8.32
N SER C 69 -10.76 -14.44 -9.19
CA SER C 69 -12.19 -14.21 -9.03
C SER C 69 -12.86 -15.03 -7.91
N ASN C 70 -12.52 -16.32 -7.84
CA ASN C 70 -13.23 -17.30 -7.01
C ASN C 70 -12.52 -17.91 -5.84
N PHE C 71 -11.25 -17.55 -5.61
CA PHE C 71 -10.46 -18.15 -4.55
C PHE C 71 -9.71 -17.13 -3.72
N SER C 72 -9.48 -17.49 -2.45
CA SER C 72 -8.66 -16.80 -1.45
C SER C 72 -7.44 -17.76 -1.30
N GLY C 73 -6.27 -17.25 -0.97
CA GLY C 73 -5.13 -18.15 -0.89
C GLY C 73 -3.89 -17.84 -0.09
N THR C 74 -2.95 -18.81 -0.19
CA THR C 74 -1.67 -18.88 0.49
C THR C 74 -0.66 -19.50 -0.49
N VAL C 75 0.61 -19.06 -0.39
CA VAL C 75 1.71 -19.64 -1.13
C VAL C 75 2.72 -20.20 -0.10
N LYS C 76 3.08 -21.47 -0.27
CA LYS C 76 4.09 -22.12 0.55
C LYS C 76 5.38 -22.10 -0.26
N TYR C 77 6.44 -21.47 0.29
CA TYR C 77 7.75 -21.42 -0.35
C TYR C 77 8.79 -21.99 0.59
N SER C 78 9.37 -23.12 0.21
CA SER C 78 10.39 -23.84 0.98
C SER C 78 9.99 -24.05 2.46
N GLY C 79 8.77 -24.57 2.66
CA GLY C 79 8.27 -24.88 3.99
C GLY C 79 7.61 -23.77 4.79
N SER C 80 7.60 -22.53 4.27
CA SER C 80 6.97 -21.39 4.96
C SER C 80 5.79 -20.86 4.15
N SER C 81 4.74 -20.37 4.84
CA SER C 81 3.53 -19.85 4.21
C SER C 81 3.48 -18.34 4.19
N TYR C 82 2.95 -17.78 3.08
CA TYR C 82 2.83 -16.34 2.88
C TYR C 82 1.50 -16.05 2.19
N PRO C 83 0.95 -14.81 2.29
CA PRO C 83 -0.29 -14.52 1.53
C PRO C 83 -0.06 -14.64 0.02
N PHE C 84 -1.12 -15.00 -0.70
CA PHE C 84 -1.11 -15.09 -2.16
C PHE C 84 -2.42 -14.46 -2.67
N PRO C 85 -2.42 -13.43 -3.56
CA PRO C 85 -1.26 -12.71 -4.16
C PRO C 85 -0.28 -12.21 -3.10
N THR C 86 1.00 -12.22 -3.46
CA THR C 86 2.11 -11.89 -2.56
C THR C 86 2.21 -10.42 -2.16
N THR C 87 2.70 -10.17 -0.94
CA THR C 87 2.90 -8.83 -0.37
C THR C 87 4.37 -8.46 -0.14
N SER C 88 5.30 -9.40 -0.37
CA SER C 88 6.75 -9.19 -0.23
C SER C 88 7.50 -10.33 -0.90
N GLU C 89 8.77 -10.10 -1.19
CA GLU C 89 9.68 -11.10 -1.74
C GLU C 89 9.99 -12.08 -0.59
N THR C 90 10.02 -13.38 -0.88
CA THR C 90 10.35 -14.40 0.13
C THR C 90 11.87 -14.42 0.46
N PRO C 91 12.30 -15.15 1.52
CA PRO C 91 13.74 -15.39 1.71
C PRO C 91 14.27 -16.29 0.58
N ARG C 92 15.60 -16.38 0.49
CA ARG C 92 16.31 -17.12 -0.54
C ARG C 92 16.39 -18.61 -0.30
N VAL C 93 16.40 -19.39 -1.39
CA VAL C 93 16.68 -20.81 -1.42
C VAL C 93 18.05 -20.93 -2.14
N VAL C 94 18.94 -21.77 -1.61
CA VAL C 94 20.26 -22.00 -2.21
C VAL C 94 20.18 -23.06 -3.31
N TYR C 95 20.77 -22.79 -4.48
CA TYR C 95 20.95 -23.75 -5.58
C TYR C 95 22.45 -23.94 -5.75
N ASN C 96 22.94 -25.17 -5.45
CA ASN C 96 24.37 -25.48 -5.43
C ASN C 96 24.68 -26.77 -6.19
N SER C 97 23.86 -27.12 -7.18
CA SER C 97 24.07 -28.35 -7.95
C SER C 97 23.67 -28.18 -9.41
N ARG C 98 24.38 -28.89 -10.30
CA ARG C 98 24.11 -28.94 -11.75
C ARG C 98 22.86 -29.79 -12.04
N THR C 99 22.46 -30.64 -11.10
CA THR C 99 21.26 -31.47 -11.23
C THR C 99 20.03 -30.57 -11.04
N ASP C 100 19.05 -30.63 -11.97
CA ASP C 100 17.78 -29.85 -11.88
C ASP C 100 17.04 -30.28 -10.62
N LYS C 101 16.81 -29.30 -9.72
CA LYS C 101 16.18 -29.44 -8.40
C LYS C 101 14.84 -28.68 -8.44
N PRO C 102 13.77 -29.18 -7.77
CA PRO C 102 12.48 -28.47 -7.80
C PRO C 102 12.51 -27.06 -7.25
N TRP C 103 11.69 -26.18 -7.83
CA TRP C 103 11.47 -24.85 -7.29
C TRP C 103 10.37 -25.06 -6.23
N PRO C 104 10.65 -24.88 -4.90
CA PRO C 104 9.68 -25.31 -3.88
C PRO C 104 8.48 -24.40 -3.61
N VAL C 105 7.62 -24.25 -4.63
CA VAL C 105 6.44 -23.41 -4.60
C VAL C 105 5.17 -24.29 -4.71
N ALA C 106 4.18 -24.00 -3.87
CA ALA C 106 2.85 -24.62 -3.90
C ALA C 106 1.80 -23.58 -3.47
N LEU C 107 0.73 -23.47 -4.27
CA LEU C 107 -0.40 -22.58 -3.94
C LEU C 107 -1.48 -23.38 -3.24
N TYR C 108 -2.08 -22.79 -2.19
CA TYR C 108 -3.18 -23.39 -1.40
C TYR C 108 -4.33 -22.43 -1.51
N LEU C 109 -5.28 -22.80 -2.37
CA LEU C 109 -6.41 -21.95 -2.73
C LEU C 109 -7.72 -22.53 -2.23
N THR C 110 -8.56 -21.67 -1.65
CA THR C 110 -9.87 -22.07 -1.14
C THR C 110 -11.00 -21.24 -1.75
N PRO C 111 -12.17 -21.83 -2.12
CA PRO C 111 -13.24 -21.03 -2.74
C PRO C 111 -13.80 -19.94 -1.84
N VAL C 112 -14.09 -18.78 -2.42
CA VAL C 112 -14.74 -17.69 -1.68
C VAL C 112 -16.22 -18.12 -1.56
N SER C 113 -16.98 -17.56 -0.60
CA SER C 113 -18.39 -17.95 -0.40
C SER C 113 -19.30 -17.78 -1.62
N SER C 114 -19.02 -16.79 -2.47
CA SER C 114 -19.79 -16.52 -3.69
C SER C 114 -19.49 -17.52 -4.84
N ALA C 115 -18.39 -18.32 -4.73
CA ALA C 115 -17.99 -19.29 -5.77
C ALA C 115 -18.99 -20.44 -5.91
N GLY C 116 -19.24 -20.82 -7.16
CA GLY C 116 -20.16 -21.90 -7.48
C GLY C 116 -20.15 -22.18 -8.97
N GLY C 117 -20.18 -23.46 -9.32
CA GLY C 117 -20.12 -23.87 -10.72
C GLY C 117 -18.69 -23.96 -11.21
N VAL C 118 -18.45 -23.65 -12.51
CA VAL C 118 -17.11 -23.71 -13.09
C VAL C 118 -16.33 -22.48 -12.57
N ALA C 119 -15.49 -22.70 -11.55
CA ALA C 119 -14.71 -21.64 -10.88
C ALA C 119 -13.39 -21.36 -11.58
N ILE C 120 -12.81 -22.36 -12.26
CA ILE C 120 -11.57 -22.23 -13.05
C ILE C 120 -11.86 -22.90 -14.40
N LYS C 121 -11.57 -22.19 -15.49
CA LYS C 121 -11.79 -22.74 -16.82
C LYS C 121 -10.53 -23.39 -17.37
N ALA C 122 -10.67 -24.56 -18.03
CA ALA C 122 -9.56 -25.23 -18.72
C ALA C 122 -8.91 -24.24 -19.71
N GLY C 123 -7.58 -24.19 -19.72
CA GLY C 123 -6.83 -23.32 -20.64
C GLY C 123 -6.63 -21.88 -20.19
N SER C 124 -7.24 -21.47 -19.08
CA SER C 124 -7.11 -20.09 -18.58
C SER C 124 -5.84 -19.86 -17.78
N LEU C 125 -5.37 -18.62 -17.76
CA LEU C 125 -4.22 -18.19 -16.97
C LEU C 125 -4.74 -18.01 -15.57
N ILE C 126 -4.14 -18.72 -14.60
CA ILE C 126 -4.59 -18.59 -13.20
C ILE C 126 -3.56 -17.90 -12.30
N ALA C 127 -2.28 -17.83 -12.71
CA ALA C 127 -1.22 -17.19 -11.91
C ALA C 127 0.01 -16.85 -12.71
N VAL C 128 0.78 -15.86 -12.23
CA VAL C 128 2.08 -15.49 -12.75
C VAL C 128 3.01 -15.49 -11.53
N LEU C 129 4.04 -16.35 -11.56
CA LEU C 129 5.02 -16.43 -10.47
C LEU C 129 6.40 -16.01 -10.99
N ILE C 130 7.00 -15.05 -10.29
CA ILE C 130 8.32 -14.52 -10.66
C ILE C 130 9.40 -15.08 -9.75
N LEU C 131 10.29 -15.88 -10.33
CA LEU C 131 11.45 -16.43 -9.66
C LEU C 131 12.57 -15.41 -9.87
N ARG C 132 13.15 -14.91 -8.77
CA ARG C 132 14.28 -13.98 -8.87
C ARG C 132 15.56 -14.69 -8.44
N GLN C 133 16.55 -14.67 -9.33
CA GLN C 133 17.84 -15.33 -9.12
C GLN C 133 19.00 -14.36 -9.04
N THR C 134 19.77 -14.48 -7.97
CA THR C 134 21.01 -13.73 -7.72
C THR C 134 22.09 -14.75 -7.36
N ASN C 135 23.28 -14.29 -6.97
CA ASN C 135 24.39 -15.18 -6.60
C ASN C 135 25.37 -14.50 -5.61
N ASN C 136 26.43 -15.20 -5.22
CA ASN C 136 27.48 -14.70 -4.31
C ASN C 136 28.75 -14.40 -5.14
N TYR C 137 28.59 -14.15 -6.43
CA TYR C 137 29.71 -14.04 -7.36
C TYR C 137 29.86 -12.68 -8.03
N ASN C 138 28.78 -12.13 -8.58
CA ASN C 138 28.78 -10.84 -9.25
C ASN C 138 27.42 -10.14 -8.98
N SER C 139 27.04 -9.19 -9.85
CA SER C 139 25.81 -8.42 -9.73
C SER C 139 24.61 -9.03 -10.48
N ASP C 140 24.76 -10.27 -11.03
CA ASP C 140 23.68 -10.94 -11.78
C ASP C 140 22.39 -11.00 -10.97
N ASP C 141 21.30 -10.50 -11.56
CA ASP C 141 19.98 -10.42 -10.92
C ASP C 141 18.94 -10.61 -12.02
N PHE C 142 18.39 -11.83 -12.09
CA PHE C 142 17.49 -12.23 -13.18
C PHE C 142 16.11 -12.69 -12.77
N GLN C 143 15.12 -12.40 -13.62
CA GLN C 143 13.73 -12.83 -13.42
C GLN C 143 13.37 -13.97 -14.37
N PHE C 144 12.85 -15.05 -13.79
CA PHE C 144 12.34 -16.22 -14.49
C PHE C 144 10.83 -16.17 -14.23
N VAL C 145 10.07 -15.86 -15.28
CA VAL C 145 8.62 -15.63 -15.22
C VAL C 145 7.85 -16.88 -15.63
N TRP C 146 7.08 -17.43 -14.69
CA TRP C 146 6.29 -18.65 -14.89
C TRP C 146 4.79 -18.32 -15.03
N ASN C 147 4.23 -18.53 -16.24
CA ASN C 147 2.79 -18.31 -16.52
C ASN C 147 2.08 -19.64 -16.29
N ILE C 148 1.25 -19.70 -15.27
CA ILE C 148 0.55 -20.91 -14.84
C ILE C 148 -0.86 -20.97 -15.45
N TYR C 149 -1.12 -22.05 -16.22
CA TYR C 149 -2.39 -22.30 -16.88
C TYR C 149 -3.06 -23.55 -16.34
N ALA C 150 -4.39 -23.49 -16.20
CA ALA C 150 -5.20 -24.65 -15.80
C ALA C 150 -5.31 -25.63 -16.99
N ASN C 151 -5.09 -26.93 -16.76
CA ASN C 151 -5.26 -27.94 -17.81
C ASN C 151 -6.70 -28.42 -17.90
N ASN C 152 -7.49 -28.15 -16.84
CA ASN C 152 -8.86 -28.62 -16.76
C ASN C 152 -9.72 -27.66 -15.96
N ASP C 153 -11.05 -27.81 -16.11
CA ASP C 153 -12.06 -27.05 -15.39
C ASP C 153 -12.04 -27.49 -13.93
N VAL C 154 -12.35 -26.55 -13.03
CA VAL C 154 -12.50 -26.82 -11.60
C VAL C 154 -13.92 -26.40 -11.23
N VAL C 155 -14.67 -27.35 -10.70
CA VAL C 155 -16.05 -27.08 -10.29
C VAL C 155 -16.11 -26.91 -8.78
N VAL C 156 -16.84 -25.86 -8.35
CA VAL C 156 -17.14 -25.63 -6.94
C VAL C 156 -18.65 -26.01 -6.79
N PRO C 157 -18.99 -27.16 -6.17
CA PRO C 157 -20.43 -27.53 -6.03
C PRO C 157 -21.26 -26.51 -5.26
N THR C 158 -22.54 -26.40 -5.64
CA THR C 158 -23.53 -25.48 -5.05
C THR C 158 -24.74 -26.28 -4.57
C4 6KH D . -35.20 8.45 -2.85
C5 6KH D . -36.69 8.79 -2.52
C6 6KH D . -36.96 8.71 -1.03
C3 6KH D . -34.94 8.63 -4.33
CAR 6KH D . -45.86 6.72 -6.20
CAQ 6KH D . -44.41 6.39 -6.05
CAP 6KH D . -43.63 7.69 -5.77
CAO 6KH D . -42.14 7.44 -5.91
CAN 6KH D . -41.40 8.70 -5.50
CAM 6KH D . -39.89 8.56 -5.79
CAL 6KH D . -39.09 9.52 -4.90
O1 6KH D . -37.69 9.43 -5.23
C1 6KH D . -36.87 10.26 -4.41
O5 6KH D . -37.02 10.11 -2.97
O6 6KH D . -36.21 9.71 -0.34
O4 6KH D . -34.90 7.11 -2.49
F3 6KH D . -33.57 8.48 -4.56
C2 6KH D . -35.38 10.03 -4.78
O2 6KH D . -34.56 11.00 -4.14
C4 6KH E . 29.44 8.24 16.07
C5 6KH E . 30.78 7.44 16.21
C6 6KH E . 30.49 5.97 16.44
C3 6KH E . 29.73 9.70 15.77
CAR 6KH E . 38.84 10.15 21.06
CAQ 6KH E . 38.37 8.73 20.65
CAP 6KH E . 37.84 8.62 19.23
CAO 6KH E . 36.46 9.25 19.02
CAN 6KH E . 35.98 8.88 17.62
CAM 6KH E . 34.67 9.61 17.28
CAL 6KH E . 33.92 8.87 16.18
O1 6KH E . 32.72 9.58 15.84
C1 6KH E . 31.95 8.98 14.80
O5 6KH E . 31.58 7.57 15.03
O6 6KH E . 29.86 5.43 15.28
O4 6KH E . 28.69 8.15 17.28
F3 6KH E . 28.53 10.34 15.51
C2 6KH E . 30.66 9.80 14.56
O2 6KH E . 29.97 9.33 13.41
C4 6KH F . 24.67 -17.78 -12.32
C5 6KH F . 25.80 -18.73 -12.79
C6 6KH F . 25.86 -20.00 -11.91
C3 6KH F . 24.58 -16.58 -13.25
CAR 6KH F . 34.10 -20.91 -14.35
CAQ 6KH F . 33.00 -19.98 -13.85
CAP 6KH F . 32.29 -19.40 -15.07
CAO 6KH F . 31.31 -18.32 -14.66
CAN 6KH F . 30.39 -18.06 -15.86
CAM 6KH F . 29.18 -17.15 -15.50
CAL 6KH F . 27.94 -18.00 -15.41
O1 6KH F . 26.81 -17.21 -15.11
C1 6KH F . 25.60 -17.99 -15.05
O5 6KH F . 25.59 -19.15 -14.14
O6 6KH F . 24.66 -20.75 -12.08
O4 6KH F . 24.90 -17.33 -10.99
F3 6KH F . 23.46 -15.83 -12.89
C2 6KH F . 24.45 -17.06 -14.70
O2 6KH F . 23.21 -17.75 -14.85
#